data_5FZJ
#
_entry.id   5FZJ
#
_cell.length_a   103.483
_cell.length_b   103.483
_cell.length_c   56.094
_cell.angle_alpha   90.00
_cell.angle_beta   90.00
_cell.angle_gamma   120.00
#
_symmetry.space_group_name_H-M   'P 61'
#
loop_
_entity.id
_entity.type
_entity.pdbx_description
1 polymer 'KELCH-LIKE ECH-ASSOCIATED PROTEIN 1'
2 non-polymer 2,6-DIMETHYL-4H-PYRANO[3,4-D][1,3]OXAZOL-4-ONE
3 water water
#
_entity_poly.entity_id   1
_entity_poly.type   'polypeptide(L)'
_entity_poly.pdbx_seq_one_letter_code
;GPKVGRLIYTAGGYFRQSLSYLEAYNPSNGSWLRLADLQVPRSGLAGCVVGGLLYAVGGRNNSPDGNTDSSALDCYNPMT
NQWSPCASMSVPRNRIGVGVIDGHIYAVGGSHGCIHHSSVERYEPERDEWHLVAPMLTRRIGVGVAVLNRLLYAVGGFDG
TNRLNSAECYYPERNEWRMITPMNTIRSGAGVCVLHNCIYAAGGYDGQDQLNSVERYDVETETWTFVAPMRHHRSALGIT
VHQGKIYVLGGYDGHTFLDSVECYDPDSDTWSEVTRMTSGRSGVGVAVTMEPCRKQIDQQNCTC
;
_entity_poly.pdbx_strand_id   A
#
loop_
_chem_comp.id
_chem_comp.type
_chem_comp.name
_chem_comp.formula
75K non-polymer 2,6-DIMETHYL-4H-PYRANO[3,4-D][1,3]OXAZOL-4-ONE 'C8 H7 N O3'
#
# COMPACT_ATOMS: atom_id res chain seq x y z
N GLY A 5 -17.19 -0.68 0.65
CA GLY A 5 -18.13 -1.28 -0.34
C GLY A 5 -18.03 -2.80 -0.42
N ARG A 6 -17.81 -3.33 -1.64
CA ARG A 6 -17.95 -4.77 -1.95
C ARG A 6 -16.85 -5.47 -2.75
N LEU A 7 -15.94 -4.73 -3.42
CA LEU A 7 -14.87 -5.33 -4.24
C LEU A 7 -13.46 -4.88 -3.85
N ILE A 8 -12.51 -5.80 -4.00
CA ILE A 8 -11.10 -5.49 -3.80
C ILE A 8 -10.51 -5.13 -5.17
N TYR A 9 -10.09 -3.88 -5.31
CA TYR A 9 -9.52 -3.36 -6.56
C TYR A 9 -7.99 -3.45 -6.47
N THR A 10 -7.36 -4.01 -7.51
CA THR A 10 -5.91 -4.00 -7.63
C THR A 10 -5.57 -3.20 -8.88
N ALA A 11 -4.66 -2.24 -8.72
CA ALA A 11 -4.32 -1.30 -9.77
C ALA A 11 -2.81 -1.34 -10.01
N GLY A 12 -2.43 -1.40 -11.29
CA GLY A 12 -1.02 -1.31 -11.66
C GLY A 12 -0.21 -2.52 -11.26
N GLY A 13 1.07 -2.31 -10.97
CA GLY A 13 1.99 -3.39 -10.59
C GLY A 13 3.12 -3.58 -11.59
N TYR A 14 3.85 -4.68 -11.38
CA TYR A 14 5.08 -4.95 -12.14
C TYR A 14 5.24 -6.44 -12.47
N PHE A 15 5.40 -6.72 -13.76
CA PHE A 15 5.87 -7.99 -14.23
C PHE A 15 6.57 -7.71 -15.56
N ARG A 16 7.90 -7.82 -15.58
CA ARG A 16 8.71 -7.48 -16.76
C ARG A 16 8.82 -5.97 -16.94
N GLN A 17 7.69 -5.28 -16.86
CA GLN A 17 7.64 -3.83 -16.83
C GLN A 17 6.43 -3.38 -16.00
N SER A 18 6.28 -2.07 -15.82
CA SER A 18 5.14 -1.55 -15.07
C SER A 18 3.83 -1.79 -15.85
N LEU A 19 2.73 -2.01 -15.13
CA LEU A 19 1.45 -2.49 -15.68
C LEU A 19 0.36 -1.43 -15.53
N SER A 20 -0.66 -1.51 -16.39
CA SER A 20 -1.77 -0.55 -16.39
CA SER A 20 -1.76 -0.56 -16.38
C SER A 20 -3.06 -1.19 -15.87
N TYR A 21 -2.98 -2.44 -15.43
CA TYR A 21 -4.19 -3.21 -15.12
C TYR A 21 -5.00 -2.58 -13.99
N LEU A 22 -6.32 -2.57 -14.16
CA LEU A 22 -7.22 -2.40 -13.04
C LEU A 22 -8.20 -3.55 -13.10
N GLU A 23 -8.17 -4.37 -12.06
CA GLU A 23 -9.05 -5.52 -11.92
C GLU A 23 -9.65 -5.55 -10.49
N ALA A 24 -10.88 -6.04 -10.38
CA ALA A 24 -11.64 -6.07 -9.13
C ALA A 24 -12.02 -7.53 -8.80
N TYR A 25 -11.75 -7.94 -7.57
CA TYR A 25 -12.10 -9.27 -7.07
C TYR A 25 -13.30 -9.16 -6.14
N ASN A 26 -14.23 -10.08 -6.30
CA ASN A 26 -15.42 -10.14 -5.48
C ASN A 26 -15.32 -11.35 -4.53
N PRO A 27 -14.98 -11.11 -3.26
CA PRO A 27 -14.99 -12.19 -2.27
C PRO A 27 -16.29 -12.97 -2.15
N SER A 28 -17.44 -12.36 -2.45
CA SER A 28 -18.71 -13.08 -2.39
C SER A 28 -18.86 -14.20 -3.42
N ASN A 29 -18.23 -14.08 -4.59
CA ASN A 29 -18.36 -15.13 -5.62
C ASN A 29 -17.08 -15.66 -6.29
N GLY A 30 -15.90 -15.20 -5.86
CA GLY A 30 -14.63 -15.64 -6.44
C GLY A 30 -14.25 -15.01 -7.77
N SER A 31 -15.08 -14.08 -8.27
CA SER A 31 -14.93 -13.56 -9.62
C SER A 31 -13.95 -12.38 -9.69
N TRP A 32 -13.25 -12.31 -10.82
CA TRP A 32 -12.44 -11.16 -11.19
C TRP A 32 -13.08 -10.43 -12.37
N LEU A 33 -12.97 -9.11 -12.39
CA LEU A 33 -13.50 -8.28 -13.47
C LEU A 33 -12.38 -7.36 -13.91
N ARG A 34 -12.08 -7.30 -15.22
CA ARG A 34 -11.10 -6.33 -15.72
C ARG A 34 -11.83 -5.05 -16.08
N LEU A 35 -11.32 -3.95 -15.56
CA LEU A 35 -11.91 -2.64 -15.71
C LEU A 35 -10.97 -1.75 -16.54
N ALA A 36 -11.29 -0.47 -16.64
CA ALA A 36 -10.50 0.45 -17.44
C ALA A 36 -9.04 0.57 -16.95
N ASP A 37 -8.11 0.48 -17.91
CA ASP A 37 -6.66 0.62 -17.64
C ASP A 37 -6.33 1.99 -17.07
N LEU A 38 -5.33 2.02 -16.22
CA LEU A 38 -4.66 3.26 -15.89
C LEU A 38 -4.20 3.94 -17.18
N GLN A 39 -4.28 5.26 -17.22
CA GLN A 39 -3.76 6.03 -18.33
C GLN A 39 -2.25 5.87 -18.51
N VAL A 40 -1.52 5.71 -17.41
CA VAL A 40 -0.07 5.55 -17.42
C VAL A 40 0.29 4.30 -16.60
N PRO A 41 1.07 3.38 -17.18
CA PRO A 41 1.51 2.23 -16.40
C PRO A 41 2.29 2.66 -15.15
N ARG A 42 2.13 1.91 -14.06
CA ARG A 42 2.91 2.16 -12.87
C ARG A 42 2.97 1.00 -11.90
N SER A 43 4.14 0.85 -11.30
CA SER A 43 4.35 -0.02 -10.17
C SER A 43 4.78 0.85 -9.00
N GLY A 44 4.70 0.29 -7.81
CA GLY A 44 5.15 0.97 -6.59
C GLY A 44 4.25 2.11 -6.17
N LEU A 45 3.01 2.07 -6.66
CA LEU A 45 1.96 3.00 -6.32
C LEU A 45 1.18 2.47 -5.11
N ALA A 46 0.32 3.33 -4.58
CA ALA A 46 -0.64 2.96 -3.57
C ALA A 46 -2.04 3.30 -4.04
N GLY A 47 -3.02 2.52 -3.57
CA GLY A 47 -4.44 2.79 -3.72
C GLY A 47 -5.08 3.22 -2.42
N CYS A 48 -6.17 3.95 -2.52
CA CYS A 48 -7.02 4.26 -1.37
C CYS A 48 -8.39 4.66 -1.93
N VAL A 49 -9.37 4.79 -1.04
CA VAL A 49 -10.72 5.18 -1.38
C VAL A 49 -11.18 6.36 -0.51
N VAL A 50 -11.84 7.36 -1.12
CA VAL A 50 -12.50 8.46 -0.39
C VAL A 50 -13.80 8.78 -1.13
N GLY A 51 -14.94 8.79 -0.41
CA GLY A 51 -16.27 9.04 -0.99
C GLY A 51 -16.58 8.12 -2.15
N GLY A 52 -16.36 6.82 -1.96
CA GLY A 52 -16.48 5.84 -3.03
C GLY A 52 -15.72 6.06 -4.35
N LEU A 53 -14.73 6.97 -4.40
CA LEU A 53 -13.80 7.07 -5.54
C LEU A 53 -12.52 6.37 -5.16
N LEU A 54 -11.93 5.71 -6.15
CA LEU A 54 -10.69 5.01 -6.01
C LEU A 54 -9.59 5.93 -6.53
N TYR A 55 -8.50 6.01 -5.78
CA TYR A 55 -7.37 6.87 -6.07
C TYR A 55 -6.15 6.01 -6.24
N ALA A 56 -5.35 6.29 -7.26
CA ALA A 56 -4.04 5.70 -7.50
C ALA A 56 -3.00 6.79 -7.38
N VAL A 57 -1.98 6.55 -6.55
CA VAL A 57 -1.13 7.62 -6.05
C VAL A 57 0.33 7.22 -6.26
N GLY A 58 1.10 8.05 -6.96
CA GLY A 58 2.55 7.83 -7.08
C GLY A 58 2.92 6.60 -7.91
N GLY A 59 4.09 6.04 -7.60
CA GLY A 59 4.66 4.90 -8.32
C GLY A 59 5.73 5.29 -9.35
N ARG A 60 5.97 4.41 -10.31
CA ARG A 60 6.98 4.64 -11.32
C ARG A 60 6.60 3.84 -12.52
N ASN A 61 6.80 4.41 -13.70
CA ASN A 61 6.63 3.67 -14.95
C ASN A 61 7.97 3.14 -15.39
N ASN A 62 8.24 1.87 -15.10
CA ASN A 62 9.40 1.16 -15.61
C ASN A 62 9.03 0.60 -16.97
N SER A 63 9.57 1.18 -18.03
CA SER A 63 9.20 0.79 -19.38
C SER A 63 10.45 0.65 -20.26
N PRO A 64 10.34 -0.01 -21.42
CA PRO A 64 11.44 0.04 -22.42
C PRO A 64 11.86 1.45 -22.86
N ASP A 65 10.90 2.35 -22.99
CA ASP A 65 11.20 3.76 -23.32
C ASP A 65 11.88 4.54 -22.20
N GLY A 66 11.95 3.95 -20.99
CA GLY A 66 12.66 4.58 -19.87
C GLY A 66 11.85 4.52 -18.60
N ASN A 67 12.38 5.13 -17.55
CA ASN A 67 11.83 4.98 -16.22
C ASN A 67 11.47 6.32 -15.62
N THR A 68 10.18 6.51 -15.31
CA THR A 68 9.68 7.80 -14.86
C THR A 68 8.92 7.60 -13.56
N ASP A 69 9.43 8.22 -12.51
CA ASP A 69 8.77 8.22 -11.22
C ASP A 69 7.57 9.12 -11.36
N SER A 70 6.52 8.77 -10.64
CA SER A 70 5.22 9.41 -10.81
C SER A 70 4.92 10.30 -9.62
N SER A 71 4.54 11.52 -9.92
CA SER A 71 3.89 12.37 -8.92
C SER A 71 2.35 12.38 -9.07
N ALA A 72 1.78 11.45 -9.84
CA ALA A 72 0.39 11.55 -10.28
C ALA A 72 -0.61 11.07 -9.21
N LEU A 73 -1.76 11.72 -9.19
CA LEU A 73 -2.91 11.26 -8.48
C LEU A 73 -4.01 11.13 -9.51
N ASP A 74 -4.55 9.93 -9.66
CA ASP A 74 -5.63 9.65 -10.59
C ASP A 74 -6.82 9.03 -9.91
N CYS A 75 -7.99 9.42 -10.43
CA CYS A 75 -9.28 9.24 -9.79
C CYS A 75 -10.09 8.30 -10.67
N TYR A 76 -10.54 7.18 -10.11
CA TYR A 76 -11.41 6.19 -10.79
C TYR A 76 -12.78 6.20 -10.16
N ASN A 77 -13.78 6.51 -10.97
CA ASN A 77 -15.18 6.43 -10.56
C ASN A 77 -15.87 5.16 -11.04
N PRO A 78 -16.18 4.23 -10.12
CA PRO A 78 -16.79 2.96 -10.49
C PRO A 78 -18.14 3.09 -11.21
N MET A 79 -18.89 4.14 -10.91
CA MET A 79 -20.17 4.34 -11.59
C MET A 79 -20.01 4.58 -13.10
N THR A 80 -18.89 5.20 -13.52
CA THR A 80 -18.62 5.49 -14.93
C THR A 80 -17.56 4.59 -15.58
N ASN A 81 -16.81 3.83 -14.78
CA ASN A 81 -15.65 3.10 -15.26
C ASN A 81 -14.66 3.99 -16.00
N GLN A 82 -14.43 5.21 -15.51
CA GLN A 82 -13.42 6.09 -16.09
C GLN A 82 -12.44 6.63 -15.08
N TRP A 83 -11.19 6.76 -15.53
CA TRP A 83 -10.11 7.38 -14.79
C TRP A 83 -10.04 8.84 -15.17
N SER A 84 -9.86 9.72 -14.19
CA SER A 84 -9.63 11.15 -14.43
C SER A 84 -8.36 11.56 -13.73
N PRO A 85 -7.54 12.41 -14.35
CA PRO A 85 -6.43 13.00 -13.60
C PRO A 85 -6.92 13.93 -12.49
N CYS A 86 -6.28 13.81 -11.33
CA CYS A 86 -6.45 14.73 -10.23
C CYS A 86 -5.14 15.58 -10.14
N ALA A 87 -5.05 16.53 -9.21
CA ALA A 87 -3.85 17.36 -9.11
C ALA A 87 -2.64 16.48 -8.72
N SER A 88 -1.49 16.76 -9.31
CA SER A 88 -0.24 16.04 -8.99
C SER A 88 0.37 16.49 -7.69
N MET A 89 1.08 15.58 -7.04
CA MET A 89 1.84 15.86 -5.82
C MET A 89 2.99 16.80 -6.11
N SER A 90 3.56 17.35 -5.03
CA SER A 90 4.74 18.20 -5.10
C SER A 90 5.93 17.51 -5.75
N VAL A 91 5.99 16.20 -5.65
CA VAL A 91 7.17 15.46 -6.03
C VAL A 91 6.82 14.02 -6.46
N PRO A 92 7.62 13.40 -7.38
CA PRO A 92 7.41 11.99 -7.64
C PRO A 92 7.71 11.15 -6.41
N ARG A 93 6.92 10.10 -6.22
CA ARG A 93 7.05 9.23 -5.08
C ARG A 93 6.79 7.78 -5.52
N ASN A 94 7.86 7.09 -5.86
CA ASN A 94 7.84 5.67 -6.14
C ASN A 94 7.98 4.90 -4.80
N ARG A 95 7.26 3.79 -4.69
CA ARG A 95 7.29 2.96 -3.47
C ARG A 95 6.78 3.77 -2.26
N ILE A 96 5.64 4.39 -2.53
CA ILE A 96 4.95 5.31 -1.66
C ILE A 96 4.05 4.53 -0.70
N GLY A 97 3.69 5.15 0.43
CA GLY A 97 2.57 4.68 1.26
C GLY A 97 1.57 5.80 1.39
N VAL A 98 0.28 5.43 1.54
CA VAL A 98 -0.79 6.39 1.74
C VAL A 98 -1.72 5.96 2.86
N GLY A 99 -2.38 6.97 3.44
CA GLY A 99 -3.39 6.79 4.48
C GLY A 99 -4.43 7.85 4.32
N VAL A 100 -5.67 7.51 4.65
CA VAL A 100 -6.77 8.42 4.59
C VAL A 100 -7.22 8.77 6.01
N ILE A 101 -7.32 10.06 6.30
CA ILE A 101 -7.91 10.53 7.55
C ILE A 101 -8.90 11.62 7.25
N ASP A 102 -10.12 11.48 7.77
CA ASP A 102 -11.14 12.52 7.66
C ASP A 102 -11.27 13.01 6.22
N GLY A 103 -11.34 12.08 5.27
CA GLY A 103 -11.57 12.43 3.85
C GLY A 103 -10.39 13.04 3.10
N HIS A 104 -9.22 13.06 3.73
CA HIS A 104 -8.00 13.60 3.14
C HIS A 104 -6.98 12.46 2.97
N ILE A 105 -6.21 12.53 1.91
CA ILE A 105 -5.22 11.51 1.60
C ILE A 105 -3.83 11.98 1.98
N TYR A 106 -3.11 11.20 2.77
CA TYR A 106 -1.70 11.50 3.07
C TYR A 106 -0.81 10.62 2.22
N ALA A 107 0.08 11.27 1.48
CA ALA A 107 1.11 10.64 0.67
C ALA A 107 2.42 10.69 1.47
N VAL A 108 3.03 9.53 1.72
CA VAL A 108 4.17 9.41 2.62
C VAL A 108 5.38 8.83 1.92
N GLY A 109 6.50 9.54 1.97
CA GLY A 109 7.78 8.93 1.64
C GLY A 109 7.89 8.63 0.16
N GLY A 110 8.54 7.52 -0.16
CA GLY A 110 8.83 7.11 -1.52
C GLY A 110 10.12 7.72 -2.08
N SER A 111 10.48 7.32 -3.30
CA SER A 111 11.71 7.81 -3.94
C SER A 111 11.44 8.57 -5.23
N HIS A 112 12.42 9.38 -5.58
CA HIS A 112 12.50 10.03 -6.89
C HIS A 112 13.95 9.88 -7.33
N GLY A 113 14.24 8.97 -8.25
CA GLY A 113 15.66 8.67 -8.58
C GLY A 113 16.37 8.26 -7.30
N CYS A 114 17.57 8.75 -7.05
CA CYS A 114 18.27 8.43 -5.81
C CYS A 114 17.77 9.22 -4.58
N ILE A 115 16.77 10.10 -4.74
CA ILE A 115 16.23 10.85 -3.60
C ILE A 115 15.26 9.96 -2.81
N HIS A 116 15.56 9.75 -1.53
CA HIS A 116 14.68 9.03 -0.63
C HIS A 116 13.95 10.03 0.28
N HIS A 117 12.63 10.15 0.10
CA HIS A 117 11.85 11.21 0.76
C HIS A 117 11.54 10.90 2.23
N SER A 118 11.69 11.89 3.09
CA SER A 118 11.04 11.92 4.41
C SER A 118 9.74 12.75 4.38
N SER A 119 9.54 13.49 3.29
CA SER A 119 8.42 14.41 3.16
C SER A 119 7.08 13.72 3.06
N VAL A 120 6.04 14.47 3.45
CA VAL A 120 4.67 14.00 3.51
C VAL A 120 3.77 15.14 3.04
N GLU A 121 2.74 14.80 2.27
CA GLU A 121 1.77 15.81 1.84
C GLU A 121 0.37 15.28 1.90
N ARG A 122 -0.58 16.20 1.90
CA ARG A 122 -1.98 15.88 2.15
C ARG A 122 -2.87 16.46 1.07
N TYR A 123 -3.70 15.58 0.50
CA TYR A 123 -4.66 15.94 -0.53
C TYR A 123 -6.05 16.13 0.02
N GLU A 124 -6.71 17.20 -0.42
CA GLU A 124 -8.08 17.54 -0.09
C GLU A 124 -8.97 17.44 -1.35
N PRO A 125 -9.73 16.34 -1.47
CA PRO A 125 -10.63 16.18 -2.62
C PRO A 125 -11.50 17.37 -2.94
N GLU A 126 -12.03 18.06 -1.94
CA GLU A 126 -12.99 19.13 -2.20
C GLU A 126 -12.31 20.33 -2.87
N ARG A 127 -11.01 20.50 -2.62
CA ARG A 127 -10.21 21.55 -3.26
C ARG A 127 -9.35 21.07 -4.47
N ASP A 128 -9.20 19.76 -4.66
CA ASP A 128 -8.19 19.22 -5.60
C ASP A 128 -6.80 19.86 -5.41
N GLU A 129 -6.29 19.79 -4.19
CA GLU A 129 -5.06 20.45 -3.80
C GLU A 129 -4.23 19.61 -2.86
N TRP A 130 -2.92 19.59 -3.08
CA TRP A 130 -2.00 19.00 -2.14
C TRP A 130 -1.32 20.09 -1.37
N HIS A 131 -1.01 19.80 -0.11
CA HIS A 131 -0.21 20.69 0.73
C HIS A 131 0.77 19.87 1.54
N LEU A 132 2.01 20.32 1.67
CA LEU A 132 3.00 19.61 2.48
C LEU A 132 2.63 19.72 3.95
N VAL A 133 2.99 18.71 4.71
CA VAL A 133 2.87 18.74 6.15
C VAL A 133 4.25 18.42 6.69
N ALA A 134 4.35 18.25 7.99
CA ALA A 134 5.61 17.92 8.63
C ALA A 134 6.20 16.64 8.05
N PRO A 135 7.52 16.63 7.82
CA PRO A 135 8.16 15.42 7.35
C PRO A 135 8.34 14.38 8.46
N MET A 136 8.45 13.12 8.06
CA MET A 136 8.79 12.07 8.99
C MET A 136 10.16 12.36 9.54
N LEU A 137 10.45 11.73 10.66
CA LEU A 137 11.78 11.78 11.25
C LEU A 137 12.80 10.92 10.48
N THR A 138 12.34 10.02 9.62
CA THR A 138 13.21 9.14 8.84
C THR A 138 12.78 9.15 7.39
N ARG A 139 13.76 9.09 6.51
CA ARG A 139 13.48 8.90 5.09
C ARG A 139 13.01 7.47 4.92
N ARG A 140 11.93 7.26 4.20
CA ARG A 140 11.41 5.91 4.02
C ARG A 140 10.84 5.74 2.64
N ILE A 141 11.41 4.80 1.90
CA ILE A 141 10.77 4.29 0.69
C ILE A 141 10.46 2.85 0.96
N GLY A 142 9.50 2.34 0.22
CA GLY A 142 9.01 0.98 0.48
C GLY A 142 8.34 0.92 1.84
N VAL A 143 7.79 2.06 2.24
CA VAL A 143 7.15 2.27 3.53
C VAL A 143 5.72 1.73 3.52
N GLY A 144 5.31 1.09 4.63
CA GLY A 144 3.92 0.75 4.83
C GLY A 144 3.19 1.81 5.65
N VAL A 145 1.93 2.08 5.33
CA VAL A 145 1.19 3.10 6.02
C VAL A 145 -0.20 2.60 6.39
N ALA A 146 -0.64 2.98 7.57
CA ALA A 146 -2.03 2.73 7.96
C ALA A 146 -2.53 3.76 8.91
N VAL A 147 -3.85 3.76 9.08
CA VAL A 147 -4.54 4.73 9.91
C VAL A 147 -5.35 3.95 10.97
N LEU A 148 -5.23 4.39 12.22
CA LEU A 148 -6.00 3.86 13.33
C LEU A 148 -6.33 5.02 14.25
N ASN A 149 -7.62 5.19 14.51
CA ASN A 149 -8.08 6.19 15.46
C ASN A 149 -7.58 7.57 15.09
N ARG A 150 -7.65 7.85 13.78
CA ARG A 150 -7.27 9.14 13.21
C ARG A 150 -5.83 9.56 13.48
N LEU A 151 -4.97 8.57 13.58
CA LEU A 151 -3.55 8.78 13.63
C LEU A 151 -2.95 7.99 12.50
N LEU A 152 -1.84 8.50 11.96
CA LEU A 152 -1.23 7.96 10.75
C LEU A 152 0.09 7.32 11.11
N TYR A 153 0.32 6.10 10.64
CA TYR A 153 1.52 5.33 11.00
C TYR A 153 2.33 5.02 9.75
N ALA A 154 3.65 5.25 9.82
CA ALA A 154 4.60 4.92 8.76
C ALA A 154 5.52 3.84 9.33
N VAL A 155 5.60 2.73 8.61
CA VAL A 155 6.18 1.50 9.14
C VAL A 155 7.21 0.95 8.17
N GLY A 156 8.44 0.79 8.67
CA GLY A 156 9.49 0.14 7.91
C GLY A 156 10.00 0.96 6.76
N GLY A 157 10.47 0.24 5.74
CA GLY A 157 10.99 0.84 4.52
C GLY A 157 12.50 0.83 4.45
N PHE A 158 13.02 1.73 3.61
CA PHE A 158 14.45 1.82 3.31
C PHE A 158 14.81 3.30 3.27
N ASP A 159 15.88 3.68 3.97
CA ASP A 159 16.22 5.11 4.12
C ASP A 159 17.31 5.63 3.14
N GLY A 160 17.69 4.79 2.19
CA GLY A 160 18.78 5.07 1.26
C GLY A 160 20.02 4.29 1.60
N THR A 161 20.10 3.79 2.84
CA THR A 161 21.27 3.03 3.27
C THR A 161 20.88 1.70 3.93
N ASN A 162 20.01 1.76 4.94
CA ASN A 162 19.52 0.57 5.63
C ASN A 162 18.04 0.35 5.46
N ARG A 163 17.66 -0.93 5.37
CA ARG A 163 16.26 -1.34 5.58
C ARG A 163 15.94 -1.17 7.06
N LEU A 164 14.67 -0.86 7.37
CA LEU A 164 14.28 -0.37 8.70
C LEU A 164 13.30 -1.29 9.39
N ASN A 165 13.52 -1.47 10.69
CA ASN A 165 12.49 -2.01 11.59
C ASN A 165 11.72 -0.91 12.32
N SER A 166 12.13 0.35 12.16
CA SER A 166 11.55 1.46 12.89
C SER A 166 10.17 1.82 12.35
N ALA A 167 9.43 2.53 13.18
CA ALA A 167 8.14 3.03 12.77
C ALA A 167 7.84 4.32 13.52
N GLU A 168 6.92 5.11 12.97
CA GLU A 168 6.55 6.39 13.57
C GLU A 168 5.10 6.75 13.32
N CYS A 169 4.59 7.69 14.10
CA CYS A 169 3.18 8.06 14.11
C CYS A 169 3.07 9.56 13.97
N TYR A 170 2.11 9.98 13.15
CA TYR A 170 1.79 11.37 12.90
C TYR A 170 0.48 11.77 13.59
N TYR A 171 0.58 12.82 14.39
CA TYR A 171 -0.53 13.36 15.20
C TYR A 171 -0.96 14.63 14.46
N PRO A 172 -2.04 14.53 13.65
CA PRO A 172 -2.40 15.68 12.81
C PRO A 172 -2.65 16.99 13.51
N GLU A 173 -3.26 16.98 14.69
CA GLU A 173 -3.51 18.21 15.39
C GLU A 173 -2.23 18.88 15.97
N ARG A 174 -1.14 18.13 16.07
CA ARG A 174 0.17 18.67 16.47
C ARG A 174 1.08 18.86 15.27
N ASN A 175 0.66 18.39 14.08
CA ASN A 175 1.52 18.37 12.90
C ASN A 175 2.93 17.89 13.29
N GLU A 176 2.97 16.71 13.87
CA GLU A 176 4.19 16.19 14.48
C GLU A 176 4.26 14.67 14.36
N TRP A 177 5.48 14.20 14.07
CA TRP A 177 5.82 12.79 14.04
C TRP A 177 6.56 12.38 15.28
N ARG A 178 6.23 11.20 15.80
CA ARG A 178 6.99 10.60 16.91
C ARG A 178 7.24 9.14 16.64
N MET A 179 8.44 8.68 16.99
CA MET A 179 8.77 7.26 16.92
C MET A 179 7.82 6.44 17.79
N ILE A 180 7.47 5.25 17.33
CA ILE A 180 6.86 4.24 18.17
C ILE A 180 7.85 3.09 18.33
N THR A 181 7.48 2.12 19.14
CA THR A 181 8.24 0.90 19.30
C THR A 181 8.61 0.34 17.92
N PRO A 182 9.89 0.00 17.69
CA PRO A 182 10.24 -0.65 16.42
C PRO A 182 9.67 -2.05 16.29
N MET A 183 9.45 -2.51 15.07
CA MET A 183 9.11 -3.91 14.82
C MET A 183 10.24 -4.83 15.28
N ASN A 184 9.90 -6.09 15.44
CA ASN A 184 10.88 -7.12 15.70
C ASN A 184 11.64 -7.58 14.48
N THR A 185 11.20 -7.16 13.29
CA THR A 185 11.80 -7.59 12.03
C THR A 185 12.03 -6.38 11.17
N ILE A 186 13.19 -6.31 10.53
CA ILE A 186 13.46 -5.29 9.51
C ILE A 186 12.59 -5.60 8.30
N ARG A 187 11.89 -4.60 7.79
CA ARG A 187 11.03 -4.84 6.64
C ARG A 187 10.95 -3.64 5.71
N SER A 188 11.40 -3.81 4.46
CA SER A 188 11.05 -2.87 3.36
CA SER A 188 11.07 -2.89 3.35
C SER A 188 10.06 -3.56 2.43
N GLY A 189 9.05 -2.82 2.00
CA GLY A 189 8.04 -3.37 1.08
C GLY A 189 7.11 -4.39 1.69
N ALA A 190 6.79 -4.19 2.96
CA ALA A 190 5.81 -5.00 3.68
C ALA A 190 4.41 -4.52 3.29
N GLY A 191 3.42 -5.35 3.55
CA GLY A 191 2.02 -4.93 3.52
C GLY A 191 1.63 -4.43 4.90
N VAL A 192 1.13 -3.20 4.99
CA VAL A 192 0.71 -2.62 6.26
C VAL A 192 -0.78 -2.20 6.20
N CYS A 193 -1.53 -2.66 7.20
CA CYS A 193 -2.95 -2.33 7.31
C CYS A 193 -3.37 -2.38 8.77
N VAL A 194 -4.63 -2.06 9.00
CA VAL A 194 -5.19 -2.06 10.35
C VAL A 194 -6.34 -3.01 10.44
N LEU A 195 -6.40 -3.72 11.56
CA LEU A 195 -7.50 -4.59 11.85
C LEU A 195 -7.71 -4.52 13.35
N HIS A 196 -8.93 -4.16 13.73
CA HIS A 196 -9.32 -3.95 15.12
C HIS A 196 -8.42 -2.85 15.71
N ASN A 197 -7.73 -3.11 16.81
CA ASN A 197 -6.87 -2.12 17.42
C ASN A 197 -5.38 -2.30 17.12
N CYS A 198 -5.07 -3.02 16.03
CA CYS A 198 -3.71 -3.39 15.72
C CYS A 198 -3.30 -2.98 14.32
N ILE A 199 -2.06 -2.52 14.22
CA ILE A 199 -1.39 -2.29 12.94
C ILE A 199 -0.62 -3.56 12.58
N TYR A 200 -0.96 -4.17 11.44
CA TYR A 200 -0.28 -5.35 10.93
C TYR A 200 0.79 -4.99 9.94
N ALA A 201 1.94 -5.66 10.03
CA ALA A 201 3.00 -5.61 9.02
C ALA A 201 3.28 -7.03 8.54
N ALA A 202 2.99 -7.30 7.27
CA ALA A 202 3.06 -8.60 6.67
C ALA A 202 4.17 -8.62 5.63
N GLY A 203 5.05 -9.59 5.72
CA GLY A 203 6.07 -9.80 4.69
C GLY A 203 7.05 -8.64 4.54
N GLY A 204 7.54 -8.45 3.32
CA GLY A 204 8.58 -7.46 3.05
C GLY A 204 9.92 -8.14 2.79
N TYR A 205 10.96 -7.32 2.86
CA TYR A 205 12.33 -7.70 2.56
C TYR A 205 13.25 -7.15 3.68
N ASP A 206 14.12 -7.98 4.23
CA ASP A 206 14.99 -7.56 5.35
C ASP A 206 16.41 -7.19 4.93
N GLY A 207 16.61 -6.99 3.62
CA GLY A 207 17.95 -6.84 3.03
C GLY A 207 18.62 -8.14 2.58
N GLN A 208 18.00 -9.27 2.90
CA GLN A 208 18.54 -10.59 2.64
C GLN A 208 17.51 -11.50 1.96
N ASP A 209 16.34 -11.65 2.59
CA ASP A 209 15.32 -12.58 2.12
C ASP A 209 13.97 -11.92 2.12
N GLN A 210 13.09 -12.47 1.30
CA GLN A 210 11.69 -12.07 1.33
C GLN A 210 11.10 -12.78 2.53
N LEU A 211 10.16 -12.12 3.20
CA LEU A 211 9.66 -12.57 4.50
C LEU A 211 8.25 -13.13 4.36
N ASN A 212 7.95 -14.20 5.10
CA ASN A 212 6.55 -14.63 5.27
C ASN A 212 5.96 -14.21 6.63
N SER A 213 6.80 -13.65 7.49
CA SER A 213 6.41 -13.36 8.86
C SER A 213 5.43 -12.21 8.89
N VAL A 214 4.61 -12.20 9.92
CA VAL A 214 3.60 -11.19 10.10
C VAL A 214 3.59 -10.81 11.57
N GLU A 215 3.58 -9.50 11.85
CA GLU A 215 3.52 -9.04 13.23
C GLU A 215 2.60 -7.86 13.34
N ARG A 216 2.09 -7.63 14.55
CA ARG A 216 1.10 -6.59 14.76
C ARG A 216 1.36 -5.78 15.99
N TYR A 217 1.12 -4.48 15.85
CA TYR A 217 1.35 -3.50 16.92
C TYR A 217 0.03 -3.13 17.56
N ASP A 218 -0.06 -3.35 18.86
CA ASP A 218 -1.22 -2.96 19.64
C ASP A 218 -0.99 -1.55 20.16
N VAL A 219 -1.81 -0.62 19.68
CA VAL A 219 -1.64 0.79 20.05
C VAL A 219 -1.77 1.02 21.57
N GLU A 220 -2.57 0.20 22.27
CA GLU A 220 -2.70 0.34 23.71
C GLU A 220 -1.47 -0.12 24.45
N THR A 221 -0.89 -1.26 24.03
CA THR A 221 0.23 -1.86 24.75
C THR A 221 1.60 -1.45 24.21
N GLU A 222 1.61 -0.88 23.01
CA GLU A 222 2.84 -0.38 22.39
C GLU A 222 3.87 -1.50 22.12
N THR A 223 3.38 -2.72 21.92
CA THR A 223 4.28 -3.83 21.63
C THR A 223 3.86 -4.47 20.30
N TRP A 224 4.84 -5.09 19.65
CA TRP A 224 4.63 -5.85 18.42
C TRP A 224 4.62 -7.32 18.76
N THR A 225 3.67 -8.08 18.22
CA THR A 225 3.60 -9.53 18.42
C THR A 225 3.50 -10.24 17.07
N PHE A 226 4.26 -11.34 16.86
CA PHE A 226 4.11 -12.16 15.66
C PHE A 226 2.82 -12.93 15.73
N VAL A 227 2.14 -13.04 14.60
CA VAL A 227 1.00 -13.94 14.44
C VAL A 227 1.42 -15.04 13.44
N ALA A 228 0.49 -15.83 12.92
CA ALA A 228 0.85 -16.89 12.00
C ALA A 228 1.50 -16.30 10.69
N PRO A 229 2.56 -16.96 10.16
CA PRO A 229 3.16 -16.47 8.92
C PRO A 229 2.27 -16.73 7.71
N MET A 230 2.42 -15.93 6.66
CA MET A 230 1.73 -16.20 5.39
C MET A 230 2.24 -17.51 4.79
N ARG A 231 1.44 -18.10 3.90
CA ARG A 231 1.80 -19.29 3.11
C ARG A 231 2.97 -19.00 2.16
N HIS A 232 3.07 -17.78 1.67
CA HIS A 232 4.17 -17.39 0.78
C HIS A 232 5.01 -16.27 1.35
N HIS A 233 6.32 -16.40 1.21
CA HIS A 233 7.21 -15.26 1.41
C HIS A 233 6.84 -14.24 0.32
N ARG A 234 6.81 -12.96 0.66
CA ARG A 234 6.54 -11.91 -0.33
C ARG A 234 7.05 -10.55 0.08
N SER A 235 7.69 -9.87 -0.86
CA SER A 235 7.89 -8.43 -0.79
C SER A 235 7.07 -7.75 -1.88
N ALA A 236 6.82 -6.46 -1.67
CA ALA A 236 6.04 -5.61 -2.60
C ALA A 236 4.64 -6.20 -2.87
N LEU A 237 4.01 -6.62 -1.77
CA LEU A 237 2.66 -7.17 -1.80
C LEU A 237 1.70 -6.03 -1.68
N GLY A 238 0.49 -6.25 -2.19
CA GLY A 238 -0.64 -5.40 -1.91
C GLY A 238 -1.35 -5.96 -0.70
N ILE A 239 -1.99 -5.10 0.09
CA ILE A 239 -2.76 -5.54 1.25
C ILE A 239 -3.99 -4.69 1.41
N THR A 240 -5.06 -5.30 1.87
CA THR A 240 -6.26 -4.58 2.23
C THR A 240 -7.11 -5.39 3.21
N VAL A 241 -8.12 -4.75 3.74
CA VAL A 241 -9.02 -5.34 4.69
C VAL A 241 -10.37 -5.35 4.02
N HIS A 242 -11.06 -6.48 4.10
CA HIS A 242 -12.42 -6.62 3.57
C HIS A 242 -13.17 -7.53 4.54
N GLN A 243 -14.21 -6.98 5.14
CA GLN A 243 -15.04 -7.63 6.16
C GLN A 243 -14.30 -8.34 7.27
N GLY A 244 -13.33 -7.64 7.87
CA GLY A 244 -12.66 -8.13 9.08
C GLY A 244 -11.58 -9.16 8.82
N LYS A 245 -11.17 -9.23 7.56
CA LYS A 245 -10.13 -10.14 7.13
C LYS A 245 -9.12 -9.35 6.31
N ILE A 246 -7.86 -9.67 6.51
CA ILE A 246 -6.78 -9.12 5.74
C ILE A 246 -6.61 -9.97 4.49
N TYR A 247 -6.47 -9.30 3.35
CA TYR A 247 -6.16 -9.97 2.09
C TYR A 247 -4.82 -9.46 1.64
N VAL A 248 -3.95 -10.38 1.19
CA VAL A 248 -2.67 -9.98 0.59
C VAL A 248 -2.61 -10.48 -0.83
N LEU A 249 -2.10 -9.62 -1.70
CA LEU A 249 -2.19 -9.83 -3.13
C LEU A 249 -0.81 -9.74 -3.75
N GLY A 250 -0.39 -10.83 -4.38
CA GLY A 250 0.84 -10.86 -5.17
C GLY A 250 2.12 -10.58 -4.40
N GLY A 251 3.08 -9.94 -5.07
CA GLY A 251 4.39 -9.68 -4.53
C GLY A 251 5.42 -10.57 -5.16
N TYR A 252 6.62 -10.57 -4.60
CA TYR A 252 7.77 -11.27 -5.20
C TYR A 252 8.39 -12.11 -4.09
N ASP A 253 8.64 -13.40 -4.35
CA ASP A 253 9.16 -14.36 -3.35
C ASP A 253 10.64 -14.75 -3.52
N GLY A 254 11.39 -13.98 -4.30
CA GLY A 254 12.79 -14.25 -4.63
C GLY A 254 12.97 -15.13 -5.87
N HIS A 255 11.87 -15.52 -6.49
CA HIS A 255 11.84 -16.50 -7.57
C HIS A 255 10.75 -16.21 -8.59
N THR A 256 9.53 -15.95 -8.09
CA THR A 256 8.34 -15.78 -8.91
C THR A 256 7.62 -14.49 -8.51
N PHE A 257 7.05 -13.83 -9.51
CA PHE A 257 6.08 -12.76 -9.30
C PHE A 257 4.75 -13.44 -9.10
N LEU A 258 4.26 -13.39 -7.86
CA LEU A 258 3.17 -14.23 -7.38
C LEU A 258 1.80 -13.76 -7.88
N ASP A 259 0.96 -14.72 -8.25
CA ASP A 259 -0.46 -14.45 -8.44
C ASP A 259 -1.30 -14.80 -7.20
N SER A 260 -0.66 -15.37 -6.18
CA SER A 260 -1.37 -15.83 -4.99
C SER A 260 -2.04 -14.68 -4.26
N VAL A 261 -3.32 -14.87 -3.96
CA VAL A 261 -4.05 -14.04 -2.99
C VAL A 261 -4.35 -14.89 -1.77
N GLU A 262 -3.87 -14.45 -0.60
CA GLU A 262 -4.08 -15.09 0.71
C GLU A 262 -4.94 -14.20 1.60
N CYS A 263 -5.64 -14.87 2.52
CA CYS A 263 -6.55 -14.24 3.44
CA CYS A 263 -6.54 -14.17 3.45
C CYS A 263 -6.28 -14.69 4.87
N TYR A 264 -6.26 -13.75 5.81
CA TYR A 264 -6.02 -14.01 7.25
C TYR A 264 -7.28 -13.89 8.09
N ASP A 265 -7.59 -14.95 8.81
CA ASP A 265 -8.67 -14.96 9.79
C ASP A 265 -8.04 -14.77 11.19
N PRO A 266 -8.25 -13.60 11.81
CA PRO A 266 -7.62 -13.36 13.11
C PRO A 266 -8.17 -14.19 14.26
N ASP A 267 -9.39 -14.71 14.12
CA ASP A 267 -9.97 -15.55 15.17
C ASP A 267 -9.35 -16.95 15.22
N SER A 268 -9.03 -17.54 14.06
CA SER A 268 -8.32 -18.84 14.00
C SER A 268 -6.78 -18.67 13.88
N ASP A 269 -6.31 -17.45 13.68
CA ASP A 269 -4.89 -17.17 13.41
C ASP A 269 -4.35 -18.06 12.29
N THR A 270 -5.07 -18.07 11.17
CA THR A 270 -4.65 -18.84 10.01
C THR A 270 -4.78 -18.05 8.70
N TRP A 271 -3.86 -18.35 7.79
CA TRP A 271 -3.89 -17.83 6.44
C TRP A 271 -4.36 -18.94 5.53
N SER A 272 -5.17 -18.59 4.54
CA SER A 272 -5.47 -19.51 3.47
C SER A 272 -5.48 -18.82 2.12
N GLU A 273 -5.29 -19.61 1.07
CA GLU A 273 -5.40 -19.13 -0.32
C GLU A 273 -6.85 -18.83 -0.60
N VAL A 274 -7.16 -17.74 -1.29
CA VAL A 274 -8.57 -17.46 -1.65
C VAL A 274 -8.89 -17.41 -3.11
N THR A 275 -7.90 -17.06 -3.91
CA THR A 275 -8.05 -16.88 -5.34
C THR A 275 -6.65 -16.64 -5.89
N ARG A 276 -6.56 -16.54 -7.20
CA ARG A 276 -5.32 -16.11 -7.84
C ARG A 276 -5.64 -14.91 -8.66
N MET A 277 -4.72 -13.94 -8.67
CA MET A 277 -4.78 -12.87 -9.63
C MET A 277 -4.66 -13.47 -11.02
N THR A 278 -5.19 -12.75 -12.00
CA THR A 278 -5.20 -13.22 -13.37
C THR A 278 -3.77 -13.35 -13.91
N SER A 279 -2.82 -12.65 -13.30
CA SER A 279 -1.42 -12.82 -13.66
C SER A 279 -0.55 -12.39 -12.51
N GLY A 280 0.58 -13.07 -12.34
CA GLY A 280 1.52 -12.70 -11.29
C GLY A 280 2.11 -11.32 -11.46
N ARG A 281 2.22 -10.58 -10.35
CA ARG A 281 2.75 -9.22 -10.36
C ARG A 281 3.10 -8.78 -8.95
N SER A 282 3.95 -7.78 -8.83
CA SER A 282 4.31 -7.17 -7.55
C SER A 282 4.07 -5.65 -7.64
N GLY A 283 4.16 -4.98 -6.49
CA GLY A 283 4.07 -3.51 -6.43
C GLY A 283 2.72 -2.91 -6.86
N VAL A 284 1.64 -3.62 -6.55
CA VAL A 284 0.31 -3.14 -6.91
C VAL A 284 -0.21 -2.16 -5.86
N GLY A 285 -1.20 -1.37 -6.28
CA GLY A 285 -2.02 -0.54 -5.40
C GLY A 285 -3.34 -1.25 -5.16
N VAL A 286 -3.81 -1.24 -3.91
CA VAL A 286 -5.03 -1.98 -3.53
C VAL A 286 -5.97 -1.14 -2.68
N ALA A 287 -7.26 -1.23 -2.97
CA ALA A 287 -8.27 -0.66 -2.09
C ALA A 287 -9.65 -1.30 -2.29
N VAL A 288 -10.60 -0.95 -1.42
CA VAL A 288 -11.93 -1.54 -1.44
C VAL A 288 -12.99 -0.46 -1.58
N THR A 289 -13.93 -0.68 -2.50
CA THR A 289 -15.09 0.18 -2.65
C THR A 289 -16.22 -0.56 -3.38
N MET A 290 -17.31 0.18 -3.65
CA MET A 290 -18.52 -0.32 -4.30
C MET A 290 -18.23 -0.96 -5.65
N GLU A 291 -19.04 -1.95 -6.02
CA GLU A 291 -18.93 -2.56 -7.33
C GLU A 291 -19.36 -1.57 -8.42
N PRO A 292 -18.79 -1.70 -9.63
CA PRO A 292 -19.09 -0.71 -10.67
C PRO A 292 -20.43 -1.03 -11.35
N CYS A 293 -21.34 -0.04 -11.41
CA CYS A 293 -22.65 -0.16 -12.09
C CYS A 293 -23.51 -1.31 -11.55
C1 75K B . 17.80 -7.39 -4.55
C2 75K B . 16.45 -7.15 -3.99
N3 75K B . 15.48 -7.99 -3.85
C4 75K B . 14.47 -7.27 -3.28
C5 75K B . 13.13 -7.59 -2.87
O6 75K B . 12.56 -8.66 -2.93
O7 75K B . 12.37 -6.53 -2.31
C8 75K B . 12.88 -5.27 -2.17
C9 75K B . 11.89 -4.34 -1.56
C10 75K B . 14.14 -4.98 -2.56
C11 75K B . 14.90 -5.99 -3.10
O12 75K B . 16.18 -5.89 -3.55
H11C 75K B . 18.31 -6.56 -4.53
H12C 75K B . 17.72 -7.70 -5.48
H13C 75K B . 18.26 -8.07 -4.02
H91C 75K B . 11.14 -4.86 -1.20
H92C 75K B . 11.57 -3.72 -2.24
H93C 75K B . 12.32 -3.84 -0.84
H10 75K B . 14.48 -4.10 -2.46
#